data_8Z2I
#
_entry.id   8Z2I
#
_cell.length_a   84.330
_cell.length_b   84.330
_cell.length_c   64.860
_cell.angle_alpha   90.000
_cell.angle_beta   90.000
_cell.angle_gamma   120.000
#
_symmetry.space_group_name_H-M   'P 3'
#
loop_
_entity.id
_entity.type
_entity.pdbx_description
1 polymer 'Alpha/beta hydrolase family protein'
2 non-polymer '2-hydroxyethyloxy-(4-methoxycarbonylphenyl)phosphinic acid'
3 non-polymer 'CALCIUM ION'
4 water water
#
_entity_poly.entity_id   1
_entity_poly.type   'polypeptide(L)'
_entity_poly.pdbx_seq_one_letter_code
;GPNPYERGPDPTEDSIEAIRGPFSVATERVSSFASGFGGGTIYYPRETDEGTFGAVAVAPGFTASQGSMSWYGERVASHG
FIVFTIDTNTRLDAPGQRGRQLLAALDYLVERSDRKVRERLDPNRLAVMGHAMGGGGSLEATVMRPSLKASIPLTPWHLD
KTWGQVQVPTFIIGAELDTIAPVSTHAKPFYESLPSSLPKAYMELCGATHFAPNIPNTTIAKYVISWLKRFVDEDTRYSQ
FLCPNPTDRAICEYRSTCPY
;
_entity_poly.pdbx_strand_id   A,B
#
loop_
_chem_comp.id
_chem_comp.type
_chem_comp.name
_chem_comp.formula
A1L0L non-polymer '2-hydroxyethyloxy-(4-methoxycarbonylphenyl)phosphinic acid' 'C10 H13 O6 P'
CA non-polymer 'CALCIUM ION' 'Ca 2'
#
# COMPACT_ATOMS: atom_id res chain seq x y z
N ASN A 3 -16.18 -14.34 36.27
CA ASN A 3 -15.71 -13.13 35.59
C ASN A 3 -16.88 -12.21 35.30
N PRO A 4 -16.94 -11.07 36.01
CA PRO A 4 -18.05 -10.13 35.81
C PRO A 4 -18.05 -9.46 34.45
N TYR A 5 -16.98 -9.59 33.67
CA TYR A 5 -16.85 -8.91 32.38
C TYR A 5 -17.24 -9.79 31.19
N GLU A 6 -17.63 -11.04 31.43
CA GLU A 6 -18.01 -11.92 30.32
C GLU A 6 -19.33 -11.46 29.71
N ARG A 7 -19.35 -11.38 28.38
CA ARG A 7 -20.53 -10.98 27.64
C ARG A 7 -20.80 -12.01 26.56
N GLY A 8 -22.08 -12.18 26.23
CA GLY A 8 -22.49 -13.08 25.18
C GLY A 8 -22.39 -14.54 25.57
N PRO A 9 -22.97 -15.42 24.74
CA PRO A 9 -22.93 -16.86 25.05
C PRO A 9 -21.55 -17.43 24.81
N ASP A 10 -21.37 -18.67 25.29
CA ASP A 10 -20.10 -19.35 25.17
C ASP A 10 -19.73 -19.46 23.69
N PRO A 11 -18.49 -19.13 23.32
CA PRO A 11 -18.14 -19.03 21.91
C PRO A 11 -17.87 -20.38 21.28
N THR A 12 -18.09 -20.43 19.97
CA THR A 12 -17.62 -21.48 19.09
C THR A 12 -16.80 -20.83 17.98
N GLU A 13 -16.11 -21.64 17.19
CA GLU A 13 -15.39 -21.08 16.06
C GLU A 13 -16.34 -20.47 15.04
N ASP A 14 -17.57 -20.96 14.96
CA ASP A 14 -18.56 -20.36 14.08
C ASP A 14 -19.00 -19.00 14.59
N SER A 15 -19.13 -18.84 15.91
CA SER A 15 -19.60 -17.56 16.46
C SER A 15 -18.57 -16.46 16.25
N ILE A 16 -17.29 -16.76 16.44
CA ILE A 16 -16.25 -15.75 16.26
C ILE A 16 -16.03 -15.42 14.79
N GLU A 17 -16.43 -16.31 13.88
CA GLU A 17 -16.36 -16.04 12.45
C GLU A 17 -17.62 -15.38 11.91
N ALA A 18 -18.67 -15.27 12.72
CA ALA A 18 -19.93 -14.69 12.25
C ALA A 18 -19.76 -13.20 11.98
N ILE A 19 -20.33 -12.76 10.86
CA ILE A 19 -20.26 -11.34 10.50
C ILE A 19 -20.88 -10.47 11.58
N ARG A 20 -21.99 -10.91 12.16
CA ARG A 20 -22.68 -10.19 13.22
C ARG A 20 -22.65 -11.01 14.50
N GLY A 21 -22.16 -10.42 15.57
CA GLY A 21 -22.16 -11.06 16.86
C GLY A 21 -23.52 -11.01 17.52
N PRO A 22 -23.57 -11.32 18.81
CA PRO A 22 -24.87 -11.38 19.51
C PRO A 22 -25.52 -10.04 19.77
N PHE A 23 -24.80 -8.93 19.69
CA PHE A 23 -25.33 -7.62 20.04
C PHE A 23 -25.66 -6.81 18.79
N SER A 24 -26.73 -6.04 18.88
CA SER A 24 -27.07 -5.06 17.85
C SER A 24 -26.30 -3.76 18.12
N VAL A 25 -26.02 -3.02 17.06
CA VAL A 25 -25.08 -1.91 17.12
C VAL A 25 -25.77 -0.62 16.70
N ALA A 26 -25.53 0.44 17.46
CA ALA A 26 -25.88 1.81 17.07
C ALA A 26 -24.59 2.60 16.93
N THR A 27 -24.69 3.79 16.34
CA THR A 27 -23.53 4.61 16.08
C THR A 27 -23.70 6.01 16.65
N GLU A 28 -22.57 6.69 16.82
CA GLU A 28 -22.53 8.08 17.26
C GLU A 28 -21.35 8.73 16.56
N ARG A 29 -21.61 9.78 15.80
CA ARG A 29 -20.56 10.48 15.06
C ARG A 29 -19.93 11.56 15.93
N VAL A 30 -18.63 11.74 15.79
CA VAL A 30 -17.86 12.69 16.58
C VAL A 30 -17.25 13.73 15.66
N SER A 31 -17.48 15.00 15.98
CA SER A 31 -16.98 16.10 15.17
C SER A 31 -15.46 16.09 15.11
N SER A 32 -14.92 16.58 13.99
CA SER A 32 -13.48 16.74 13.86
C SER A 32 -12.92 17.79 14.81
N PHE A 33 -13.78 18.60 15.43
CA PHE A 33 -13.36 19.58 16.41
C PHE A 33 -13.29 19.00 17.81
N ALA A 34 -13.41 17.69 17.95
CA ALA A 34 -13.04 17.03 19.19
C ALA A 34 -11.57 17.31 19.50
N SER A 35 -11.26 17.34 20.78
CA SER A 35 -9.95 17.79 21.24
C SER A 35 -8.94 16.65 21.12
N GLY A 36 -7.84 16.91 20.41
CA GLY A 36 -6.72 16.00 20.36
C GLY A 36 -6.74 14.95 19.27
N PHE A 37 -7.80 14.91 18.45
CA PHE A 37 -7.87 13.98 17.34
C PHE A 37 -8.89 14.52 16.34
N GLY A 38 -9.09 13.79 15.25
CA GLY A 38 -9.89 14.30 14.16
C GLY A 38 -11.33 13.81 14.13
N GLY A 39 -11.84 13.38 15.28
CA GLY A 39 -13.19 12.86 15.34
C GLY A 39 -13.28 11.42 14.84
N GLY A 40 -14.51 10.99 14.59
CA GLY A 40 -14.72 9.65 14.06
C GLY A 40 -16.14 9.19 14.33
N THR A 41 -16.29 7.86 14.34
CA THR A 41 -17.58 7.21 14.52
C THR A 41 -17.46 6.19 15.64
N ILE A 42 -18.38 6.26 16.60
CA ILE A 42 -18.42 5.33 17.72
C ILE A 42 -19.50 4.29 17.44
N TYR A 43 -19.12 3.02 17.39
CA TYR A 43 -20.05 1.92 17.27
C TYR A 43 -20.20 1.28 18.65
N TYR A 44 -21.44 1.01 19.06
CA TYR A 44 -21.62 0.54 20.42
C TYR A 44 -22.78 -0.45 20.49
N PRO A 45 -22.69 -1.44 21.38
CA PRO A 45 -23.81 -2.39 21.53
C PRO A 45 -25.00 -1.71 22.17
N ARG A 46 -26.19 -2.03 21.66
CA ARG A 46 -27.40 -1.36 22.16
C ARG A 46 -27.90 -2.01 23.46
N GLU A 47 -27.76 -3.33 23.58
CA GLU A 47 -28.29 -4.04 24.75
C GLU A 47 -27.44 -3.73 25.97
N THR A 48 -28.10 -3.32 27.05
CA THR A 48 -27.43 -2.90 28.28
C THR A 48 -27.63 -3.87 29.43
N ASP A 49 -28.37 -4.95 29.24
CA ASP A 49 -28.72 -5.81 30.37
C ASP A 49 -27.64 -6.80 30.76
N GLU A 50 -26.55 -6.89 30.01
CA GLU A 50 -25.41 -7.71 30.40
C GLU A 50 -24.32 -6.92 31.13
N GLY A 51 -24.43 -5.60 31.18
CA GLY A 51 -23.46 -4.75 31.82
C GLY A 51 -22.79 -3.82 30.84
N THR A 52 -21.81 -3.06 31.36
CA THR A 52 -21.02 -2.16 30.54
C THR A 52 -19.95 -2.94 29.76
N PHE A 53 -19.36 -2.26 28.78
CA PHE A 53 -18.41 -2.88 27.88
C PHE A 53 -17.08 -2.13 27.88
N GLY A 54 -16.03 -2.83 27.42
CA GLY A 54 -14.78 -2.18 27.12
C GLY A 54 -14.81 -1.51 25.75
N ALA A 55 -13.78 -0.73 25.47
CA ALA A 55 -13.71 0.07 24.27
C ALA A 55 -12.36 -0.09 23.58
N VAL A 56 -12.36 0.02 22.26
CA VAL A 56 -11.15 0.00 21.45
C VAL A 56 -11.19 1.17 20.47
N ALA A 57 -10.11 1.94 20.43
CA ALA A 57 -9.93 3.00 19.45
C ALA A 57 -9.10 2.47 18.29
N VAL A 58 -9.52 2.82 17.07
CA VAL A 58 -8.99 2.22 15.86
C VAL A 58 -8.47 3.33 14.96
N ALA A 59 -7.18 3.29 14.64
CA ALA A 59 -6.53 4.35 13.88
C ALA A 59 -6.23 3.90 12.46
N PRO A 60 -6.37 4.79 11.48
CA PRO A 60 -6.03 4.43 10.09
C PRO A 60 -4.55 4.65 9.81
N GLY A 61 -4.12 4.34 8.59
CA GLY A 61 -2.74 4.52 8.20
C GLY A 61 -2.47 5.89 7.62
N PHE A 62 -1.22 6.08 7.21
CA PHE A 62 -0.79 7.32 6.57
C PHE A 62 -1.67 7.62 5.37
N THR A 63 -2.16 8.87 5.30
CA THR A 63 -3.01 9.34 4.22
C THR A 63 -4.23 8.44 4.02
N ALA A 64 -4.86 8.07 5.14
CA ALA A 64 -6.11 7.33 5.13
C ALA A 64 -7.03 7.93 6.17
N SER A 65 -8.31 7.59 6.07
CA SER A 65 -9.33 8.09 6.98
C SER A 65 -10.07 6.91 7.58
N GLN A 66 -11.01 7.20 8.49
CA GLN A 66 -11.76 6.15 9.17
C GLN A 66 -12.46 5.21 8.20
N GLY A 67 -12.75 5.69 6.98
CA GLY A 67 -13.42 4.84 6.00
C GLY A 67 -12.65 3.57 5.70
N SER A 68 -11.32 3.65 5.71
CA SER A 68 -10.51 2.46 5.45
C SER A 68 -10.63 1.43 6.57
N MET A 69 -11.15 1.81 7.73
CA MET A 69 -11.29 0.93 8.88
C MET A 69 -12.75 0.72 9.29
N SER A 70 -13.71 1.14 8.47
CA SER A 70 -15.09 1.18 8.90
C SER A 70 -15.66 -0.20 9.15
N TRP A 71 -15.19 -1.22 8.44
CA TRP A 71 -15.77 -2.55 8.58
C TRP A 71 -15.48 -3.18 9.94
N TYR A 72 -14.52 -2.64 10.70
CA TYR A 72 -14.30 -3.13 12.05
C TYR A 72 -15.37 -2.63 13.02
N GLY A 73 -16.05 -1.54 12.70
CA GLY A 73 -17.00 -0.93 13.60
C GLY A 73 -18.14 -1.84 14.02
N GLU A 74 -19.00 -2.22 13.07
CA GLU A 74 -20.15 -3.05 13.42
C GLU A 74 -19.75 -4.48 13.71
N ARG A 75 -18.73 -5.00 13.04
CA ARG A 75 -18.36 -6.41 13.22
C ARG A 75 -17.85 -6.66 14.62
N VAL A 76 -16.92 -5.83 15.10
CA VAL A 76 -16.37 -6.04 16.44
C VAL A 76 -17.35 -5.60 17.53
N ALA A 77 -18.06 -4.49 17.30
CA ALA A 77 -19.00 -4.01 18.30
C ALA A 77 -20.14 -4.99 18.54
N SER A 78 -20.59 -5.68 17.48
CA SER A 78 -21.66 -6.66 17.62
C SER A 78 -21.27 -7.84 18.51
N HIS A 79 -19.99 -8.03 18.79
CA HIS A 79 -19.56 -9.05 19.74
C HIS A 79 -19.43 -8.54 21.16
N GLY A 80 -19.76 -7.28 21.42
CA GLY A 80 -19.74 -6.74 22.76
C GLY A 80 -18.59 -5.81 23.05
N PHE A 81 -18.42 -4.78 22.23
CA PHE A 81 -17.35 -3.81 22.41
C PHE A 81 -17.79 -2.46 21.89
N ILE A 82 -17.21 -1.41 22.45
CA ILE A 82 -17.34 -0.07 21.90
C ILE A 82 -16.15 0.16 20.98
N VAL A 83 -16.41 0.50 19.72
CA VAL A 83 -15.39 0.60 18.69
C VAL A 83 -15.41 2.02 18.13
N PHE A 84 -14.29 2.71 18.22
CA PHE A 84 -14.17 4.12 17.83
C PHE A 84 -13.17 4.19 16.67
N THR A 85 -13.69 4.25 15.45
CA THR A 85 -12.84 4.44 14.28
C THR A 85 -12.59 5.93 14.11
N ILE A 86 -11.36 6.36 14.30
CA ILE A 86 -11.04 7.77 14.38
C ILE A 86 -10.42 8.27 13.08
N ASP A 87 -10.54 9.57 12.85
CA ASP A 87 -9.73 10.27 11.88
C ASP A 87 -8.60 10.97 12.63
N THR A 88 -7.50 11.21 11.94
CA THR A 88 -6.37 11.88 12.56
C THR A 88 -6.44 13.39 12.33
N ASN A 89 -5.60 14.13 13.08
CA ASN A 89 -5.57 15.59 12.93
C ASN A 89 -5.20 15.98 11.51
N THR A 90 -4.16 15.38 10.94
CA THR A 90 -3.86 15.50 9.52
C THR A 90 -3.62 14.11 8.94
N ARG A 91 -3.77 14.01 7.62
CA ARG A 91 -3.56 12.74 6.92
C ARG A 91 -2.10 12.30 6.96
N LEU A 92 -1.17 13.22 7.24
CA LEU A 92 0.26 12.93 7.22
C LEU A 92 0.84 12.65 8.60
N ASP A 93 0.01 12.53 9.63
CA ASP A 93 0.50 12.35 10.98
C ASP A 93 1.35 11.09 11.08
N ALA A 94 2.38 11.16 11.92
CA ALA A 94 3.36 10.11 12.11
C ALA A 94 2.87 9.11 13.16
N PRO A 95 3.54 7.96 13.32
CA PRO A 95 3.07 6.97 14.30
C PRO A 95 2.96 7.49 15.73
N GLY A 96 3.93 8.28 16.20
CA GLY A 96 3.84 8.82 17.54
C GLY A 96 2.65 9.74 17.71
N GLN A 97 2.38 10.57 16.71
CA GLN A 97 1.20 11.43 16.74
C GLN A 97 -0.08 10.60 16.77
N ARG A 98 -0.16 9.55 15.95
CA ARG A 98 -1.33 8.68 15.96
C ARG A 98 -1.50 7.97 17.31
N GLY A 99 -0.39 7.71 18.01
CA GLY A 99 -0.50 7.13 19.33
C GLY A 99 -1.15 8.08 20.32
N ARG A 100 -0.71 9.33 20.32
CA ARG A 100 -1.33 10.34 21.17
C ARG A 100 -2.80 10.49 20.85
N GLN A 101 -3.16 10.42 19.57
CA GLN A 101 -4.54 10.64 19.15
C GLN A 101 -5.43 9.46 19.49
N LEU A 102 -4.89 8.24 19.47
CA LEU A 102 -5.63 7.09 19.97
C LEU A 102 -5.97 7.28 21.45
N LEU A 103 -5.04 7.83 22.22
CA LEU A 103 -5.30 8.09 23.64
C LEU A 103 -6.33 9.19 23.82
N ALA A 104 -6.25 10.25 23.00
CA ALA A 104 -7.23 11.32 23.10
C ALA A 104 -8.62 10.83 22.73
N ALA A 105 -8.71 9.91 21.76
CA ALA A 105 -10.00 9.33 21.41
C ALA A 105 -10.58 8.52 22.57
N LEU A 106 -9.72 7.76 23.27
CA LEU A 106 -10.19 7.00 24.42
C LEU A 106 -10.61 7.94 25.55
N ASP A 107 -9.81 8.97 25.82
CA ASP A 107 -10.19 9.94 26.85
C ASP A 107 -11.48 10.65 26.49
N TYR A 108 -11.73 10.88 25.19
CA TYR A 108 -12.99 11.44 24.76
C TYR A 108 -14.15 10.54 25.16
N LEU A 109 -14.02 9.23 24.92
CA LEU A 109 -15.06 8.29 25.28
C LEU A 109 -15.38 8.35 26.77
N VAL A 110 -14.35 8.47 27.60
CA VAL A 110 -14.53 8.45 29.05
C VAL A 110 -15.08 9.78 29.56
N GLU A 111 -14.67 10.89 28.95
CA GLU A 111 -14.90 12.21 29.53
C GLU A 111 -15.93 13.06 28.79
N ARG A 112 -16.07 12.90 27.48
CA ARG A 112 -16.85 13.84 26.69
C ARG A 112 -17.88 13.18 25.76
N SER A 113 -17.97 11.86 25.73
CA SER A 113 -18.84 11.19 24.78
C SER A 113 -20.31 11.37 25.16
N ASP A 114 -21.18 11.09 24.19
CA ASP A 114 -22.61 11.17 24.40
C ASP A 114 -23.04 10.23 25.51
N ARG A 115 -24.10 10.61 26.22
CA ARG A 115 -24.56 9.83 27.37
C ARG A 115 -24.91 8.40 26.98
N LYS A 116 -25.37 8.18 25.74
CA LYS A 116 -25.66 6.81 25.32
C LYS A 116 -24.41 5.96 25.27
N VAL A 117 -23.27 6.55 24.90
CA VAL A 117 -22.01 5.82 24.90
C VAL A 117 -21.44 5.72 26.30
N ARG A 118 -21.43 6.86 27.02
CA ARG A 118 -20.85 6.90 28.36
C ARG A 118 -21.50 5.89 29.29
N GLU A 119 -22.82 5.75 29.22
CA GLU A 119 -23.54 4.83 30.10
C GLU A 119 -23.22 3.38 29.82
N ARG A 120 -22.69 3.06 28.64
CA ARG A 120 -22.38 1.69 28.25
C ARG A 120 -20.90 1.36 28.39
N LEU A 121 -20.08 2.29 28.85
CA LEU A 121 -18.63 2.17 28.82
C LEU A 121 -18.08 1.87 30.21
N ASP A 122 -17.13 0.93 30.26
CA ASP A 122 -16.31 0.72 31.44
C ASP A 122 -15.00 1.46 31.20
N PRO A 123 -14.74 2.58 31.88
CA PRO A 123 -13.53 3.37 31.58
C PRO A 123 -12.23 2.71 32.00
N ASN A 124 -12.28 1.58 32.70
CA ASN A 124 -11.08 0.90 33.16
C ASN A 124 -10.56 -0.14 32.18
N ARG A 125 -11.27 -0.41 31.09
CA ARG A 125 -10.96 -1.51 30.19
C ARG A 125 -10.93 -0.99 28.75
N LEU A 126 -9.76 -0.48 28.35
CA LEU A 126 -9.59 0.20 27.07
C LEU A 126 -8.49 -0.48 26.27
N ALA A 127 -8.56 -0.34 24.95
CA ALA A 127 -7.61 -0.97 24.05
C ALA A 127 -7.38 -0.09 22.84
N VAL A 128 -6.33 -0.43 22.07
CA VAL A 128 -5.99 0.30 20.87
C VAL A 128 -5.74 -0.68 19.73
N MET A 129 -6.01 -0.21 18.51
CA MET A 129 -5.80 -0.98 17.29
C MET A 129 -5.52 0.03 16.18
N GLY A 130 -4.73 -0.40 15.20
CA GLY A 130 -4.39 0.51 14.13
C GLY A 130 -3.77 -0.16 12.92
N HIS A 131 -3.99 0.41 11.74
CA HIS A 131 -3.45 -0.12 10.50
C HIS A 131 -2.28 0.73 10.05
N ALA A 132 -1.20 0.07 9.63
CA ALA A 132 -0.06 0.71 8.97
C ALA A 132 0.59 1.69 9.94
N MET A 133 0.73 2.98 9.60
CA MET A 133 1.25 3.94 10.56
C MET A 133 0.38 4.02 11.80
N GLY A 134 -0.93 3.76 11.65
CA GLY A 134 -1.79 3.62 12.81
C GLY A 134 -1.46 2.42 13.67
N GLY A 135 -0.85 1.39 13.07
CA GLY A 135 -0.38 0.24 13.81
C GLY A 135 0.89 0.57 14.58
N GLY A 136 1.75 1.39 13.98
CA GLY A 136 2.84 1.97 14.73
C GLY A 136 2.34 2.85 15.86
N GLY A 137 1.25 3.59 15.62
CA GLY A 137 0.62 4.35 16.69
C GLY A 137 0.06 3.48 17.80
N SER A 138 -0.42 2.27 17.46
CA SER A 138 -0.89 1.35 18.48
C SER A 138 0.25 0.93 19.40
N LEU A 139 1.43 0.67 18.84
CA LEU A 139 2.60 0.39 19.67
C LEU A 139 2.97 1.58 20.53
N GLU A 140 3.01 2.77 19.92
CA GLU A 140 3.34 3.98 20.68
C GLU A 140 2.38 4.19 21.84
N ALA A 141 1.08 3.96 21.62
CA ALA A 141 0.09 4.24 22.66
C ALA A 141 0.28 3.35 23.88
N THR A 142 0.75 2.12 23.69
CA THR A 142 0.97 1.24 24.85
C THR A 142 2.17 1.69 25.67
N VAL A 143 3.20 2.21 25.01
CA VAL A 143 4.30 2.85 25.74
C VAL A 143 3.80 4.09 26.48
N MET A 144 2.87 4.82 25.86
CA MET A 144 2.38 6.07 26.44
C MET A 144 1.41 5.81 27.58
N ARG A 145 0.70 4.68 27.57
CA ARG A 145 -0.27 4.37 28.62
C ARG A 145 -0.23 2.87 28.90
N PRO A 146 0.64 2.43 29.82
CA PRO A 146 0.76 1.00 30.10
C PRO A 146 -0.47 0.38 30.75
N SER A 147 -1.47 1.17 31.12
CA SER A 147 -2.68 0.62 31.70
C SER A 147 -3.66 0.08 30.65
N LEU A 148 -3.38 0.29 29.37
CA LEU A 148 -4.22 -0.28 28.32
C LEU A 148 -4.25 -1.80 28.43
N LYS A 149 -5.39 -2.39 28.05
CA LYS A 149 -5.59 -3.81 28.22
C LYS A 149 -5.10 -4.64 27.03
N ALA A 150 -5.14 -4.08 25.82
CA ALA A 150 -4.76 -4.83 24.63
C ALA A 150 -4.33 -3.86 23.54
N SER A 151 -3.59 -4.40 22.56
CA SER A 151 -3.07 -3.62 21.45
C SER A 151 -2.97 -4.52 20.23
N ILE A 152 -3.45 -4.04 19.09
CA ILE A 152 -3.44 -4.85 17.86
C ILE A 152 -2.88 -4.04 16.69
N PRO A 153 -1.57 -4.12 16.43
CA PRO A 153 -0.99 -3.45 15.25
C PRO A 153 -1.21 -4.28 13.99
N LEU A 154 -1.95 -3.72 13.04
CA LEU A 154 -2.28 -4.39 11.79
C LEU A 154 -1.34 -3.88 10.69
N THR A 155 -0.59 -4.80 10.06
CA THR A 155 0.46 -4.53 9.09
C THR A 155 1.19 -3.25 9.48
N PRO A 156 1.81 -3.21 10.65
CA PRO A 156 2.25 -1.94 11.21
C PRO A 156 3.49 -1.40 10.50
N TRP A 157 3.60 -0.08 10.51
CA TRP A 157 4.76 0.63 10.00
C TRP A 157 5.33 1.47 11.13
N HIS A 158 6.62 1.32 11.39
CA HIS A 158 7.29 2.16 12.37
C HIS A 158 8.79 2.13 12.09
N LEU A 159 9.45 3.27 12.26
CA LEU A 159 10.89 3.36 12.03
C LEU A 159 11.68 2.74 13.17
N ASP A 160 11.14 2.72 14.38
CA ASP A 160 11.82 2.17 15.54
C ASP A 160 11.47 0.70 15.69
N LYS A 161 12.50 -0.14 15.78
CA LYS A 161 12.29 -1.58 15.69
C LYS A 161 12.31 -2.29 17.03
N THR A 162 12.61 -1.59 18.12
CA THR A 162 12.71 -2.20 19.44
C THR A 162 11.56 -1.71 20.32
N TRP A 163 10.86 -2.67 20.93
CA TRP A 163 9.67 -2.40 21.72
C TRP A 163 9.67 -3.22 23.01
N GLY A 164 10.84 -3.29 23.65
CA GLY A 164 11.05 -4.09 24.84
C GLY A 164 10.46 -3.58 26.13
N GLN A 165 9.86 -2.39 26.14
CA GLN A 165 9.22 -1.83 27.34
C GLN A 165 7.71 -1.97 27.34
N VAL A 166 7.14 -2.51 26.27
CA VAL A 166 5.69 -2.69 26.20
C VAL A 166 5.27 -3.72 27.24
N GLN A 167 4.24 -3.39 28.00
CA GLN A 167 3.66 -4.32 28.96
C GLN A 167 2.18 -4.59 28.69
N VAL A 168 1.68 -4.20 27.53
CA VAL A 168 0.28 -4.42 27.15
C VAL A 168 0.24 -5.60 26.19
N PRO A 169 -0.63 -6.58 26.39
CA PRO A 169 -0.68 -7.73 25.47
C PRO A 169 -0.94 -7.28 24.04
N THR A 170 -0.09 -7.74 23.13
CA THR A 170 -0.01 -7.19 21.78
C THR A 170 -0.08 -8.29 20.74
N PHE A 171 -0.96 -8.10 19.75
CA PHE A 171 -1.23 -9.06 18.68
C PHE A 171 -0.92 -8.36 17.37
N ILE A 172 0.17 -8.76 16.72
CA ILE A 172 0.62 -8.15 15.47
C ILE A 172 0.18 -9.03 14.31
N ILE A 173 -0.44 -8.41 13.30
CA ILE A 173 -0.85 -9.10 12.08
C ILE A 173 0.01 -8.59 10.93
N GLY A 174 0.65 -9.51 10.23
CA GLY A 174 1.46 -9.16 9.08
C GLY A 174 0.88 -9.69 7.78
N ALA A 175 1.30 -9.11 6.67
CA ALA A 175 0.84 -9.54 5.35
C ALA A 175 2.04 -10.04 4.57
N GLU A 176 1.94 -11.29 4.08
CA GLU A 176 3.10 -11.94 3.46
C GLU A 176 3.69 -11.10 2.33
N LEU A 177 2.83 -10.55 1.47
CA LEU A 177 3.28 -9.81 0.29
C LEU A 177 3.28 -8.31 0.50
N ASP A 178 3.37 -7.85 1.75
CA ASP A 178 3.47 -6.43 2.05
C ASP A 178 4.84 -5.92 1.63
N THR A 179 4.88 -4.95 0.73
CA THR A 179 6.12 -4.30 0.33
C THR A 179 6.21 -2.86 0.78
N ILE A 180 5.17 -2.34 1.43
CA ILE A 180 5.21 -1.00 1.99
C ILE A 180 5.70 -1.02 3.43
N ALA A 181 5.22 -1.98 4.23
CA ALA A 181 5.74 -2.26 5.56
C ALA A 181 6.09 -3.74 5.61
N PRO A 182 7.19 -4.12 4.95
CA PRO A 182 7.54 -5.55 4.86
C PRO A 182 7.65 -6.19 6.23
N VAL A 183 7.13 -7.43 6.34
CA VAL A 183 7.14 -8.11 7.62
C VAL A 183 8.56 -8.34 8.11
N SER A 184 9.52 -8.48 7.19
CA SER A 184 10.89 -8.77 7.59
C SER A 184 11.54 -7.60 8.30
N THR A 185 11.10 -6.37 8.02
CA THR A 185 11.68 -5.19 8.62
C THR A 185 10.74 -4.40 9.52
N HIS A 186 9.44 -4.71 9.52
CA HIS A 186 8.51 -4.06 10.41
C HIS A 186 7.86 -5.06 11.36
N ALA A 187 6.87 -5.81 10.86
CA ALA A 187 6.01 -6.62 11.73
C ALA A 187 6.82 -7.63 12.54
N LYS A 188 7.71 -8.39 11.89
CA LYS A 188 8.46 -9.40 12.62
C LYS A 188 9.45 -8.81 13.62
N PRO A 189 10.31 -7.84 13.25
CA PRO A 189 11.15 -7.20 14.28
C PRO A 189 10.37 -6.64 15.45
N PHE A 190 9.22 -6.02 15.22
CA PHE A 190 8.40 -5.51 16.31
C PHE A 190 8.02 -6.64 17.26
N TYR A 191 7.49 -7.74 16.71
CA TYR A 191 7.05 -8.85 17.56
C TYR A 191 8.19 -9.45 18.35
N GLU A 192 9.34 -9.66 17.70
CA GLU A 192 10.47 -10.29 18.38
C GLU A 192 11.10 -9.39 19.43
N SER A 193 10.91 -8.07 19.32
CA SER A 193 11.47 -7.15 20.30
C SER A 193 10.56 -6.91 21.49
N LEU A 194 9.28 -7.26 21.37
CA LEU A 194 8.40 -7.24 22.53
C LEU A 194 8.97 -8.17 23.60
N PRO A 195 8.73 -7.90 24.88
CA PRO A 195 9.27 -8.75 25.94
C PRO A 195 8.85 -10.20 25.75
N SER A 196 9.81 -11.12 25.93
CA SER A 196 9.52 -12.54 25.79
C SER A 196 8.50 -13.03 26.80
N SER A 197 8.32 -12.32 27.92
CA SER A 197 7.34 -12.66 28.93
C SER A 197 5.98 -12.04 28.67
N LEU A 198 5.86 -11.18 27.69
CA LEU A 198 4.59 -10.53 27.40
C LEU A 198 3.64 -11.50 26.70
N PRO A 199 2.35 -11.51 27.08
CA PRO A 199 1.37 -12.22 26.26
C PRO A 199 1.28 -11.58 24.89
N LYS A 200 1.73 -12.27 23.85
CA LYS A 200 1.82 -11.68 22.53
C LYS A 200 1.62 -12.75 21.47
N ALA A 201 1.40 -12.31 20.23
CA ALA A 201 1.21 -13.22 19.12
C ALA A 201 1.50 -12.49 17.82
N TYR A 202 1.90 -13.24 16.80
CA TYR A 202 2.13 -12.71 15.46
C TYR A 202 1.45 -13.64 14.48
N MET A 203 0.56 -13.09 13.65
CA MET A 203 -0.14 -13.85 12.61
C MET A 203 0.18 -13.23 11.27
N GLU A 204 0.72 -14.02 10.35
CA GLU A 204 1.03 -13.58 9.00
C GLU A 204 0.05 -14.20 8.02
N LEU A 205 -0.55 -13.38 7.17
CA LEU A 205 -1.59 -13.84 6.25
C LEU A 205 -0.97 -14.19 4.89
N CYS A 206 -1.30 -15.37 4.39
CA CYS A 206 -0.75 -15.84 3.13
C CYS A 206 -1.20 -14.92 1.99
N GLY A 207 -0.26 -14.54 1.13
CA GLY A 207 -0.56 -13.81 -0.09
C GLY A 207 -1.22 -12.47 0.08
N ALA A 208 -1.27 -11.92 1.31
CA ALA A 208 -1.96 -10.66 1.56
C ALA A 208 -1.04 -9.48 1.27
N THR A 209 -1.66 -8.36 0.89
CA THR A 209 -0.94 -7.12 0.67
C THR A 209 -1.07 -6.21 1.89
N HIS A 210 -0.39 -5.07 1.84
CA HIS A 210 -0.45 -4.07 2.90
C HIS A 210 -1.87 -3.60 3.17
N PHE A 211 -2.78 -3.78 2.22
CA PHE A 211 -4.13 -3.25 2.32
C PHE A 211 -5.16 -4.32 2.62
N ALA A 212 -4.72 -5.55 2.88
CA ALA A 212 -5.63 -6.60 3.33
C ALA A 212 -6.44 -6.24 4.58
N PRO A 213 -5.91 -5.52 5.57
CA PRO A 213 -6.74 -5.14 6.73
C PRO A 213 -7.91 -4.21 6.39
N ASN A 214 -7.94 -3.62 5.20
CA ASN A 214 -8.93 -2.60 4.88
C ASN A 214 -10.22 -3.16 4.28
N ILE A 215 -10.31 -4.47 4.09
CA ILE A 215 -11.54 -5.09 3.61
C ILE A 215 -11.92 -6.23 4.53
N PRO A 216 -13.22 -6.55 4.67
CA PRO A 216 -13.62 -7.61 5.59
C PRO A 216 -12.87 -8.90 5.37
N ASN A 217 -12.28 -9.42 6.44
CA ASN A 217 -11.43 -10.61 6.41
C ASN A 217 -11.79 -11.42 7.64
N THR A 218 -12.30 -12.64 7.43
CA THR A 218 -12.76 -13.45 8.55
C THR A 218 -11.58 -13.93 9.41
N THR A 219 -10.42 -14.17 8.79
CA THR A 219 -9.25 -14.59 9.57
C THR A 219 -8.82 -13.49 10.52
N ILE A 220 -8.76 -12.24 10.03
CA ILE A 220 -8.43 -11.11 10.91
C ILE A 220 -9.49 -10.93 11.98
N ALA A 221 -10.77 -10.96 11.58
CA ALA A 221 -11.85 -10.62 12.49
C ALA A 221 -11.95 -11.62 13.63
N LYS A 222 -11.84 -12.92 13.33
CA LYS A 222 -12.05 -13.94 14.36
C LYS A 222 -11.01 -13.85 15.47
N TYR A 223 -9.77 -13.50 15.12
CA TYR A 223 -8.71 -13.43 16.12
C TYR A 223 -8.54 -12.06 16.73
N VAL A 224 -8.99 -11.00 16.05
CA VAL A 224 -9.13 -9.70 16.70
C VAL A 224 -10.20 -9.78 17.78
N ILE A 225 -11.31 -10.47 17.49
CA ILE A 225 -12.37 -10.65 18.48
C ILE A 225 -11.86 -11.47 19.66
N SER A 226 -11.13 -12.55 19.38
CA SER A 226 -10.63 -13.42 20.44
C SER A 226 -9.61 -12.69 21.31
N TRP A 227 -8.75 -11.87 20.70
CA TRP A 227 -7.74 -11.13 21.47
C TRP A 227 -8.40 -10.10 22.38
N LEU A 228 -9.35 -9.33 21.84
CA LEU A 228 -10.04 -8.33 22.66
C LEU A 228 -10.86 -8.98 23.76
N LYS A 229 -11.52 -10.10 23.47
CA LYS A 229 -12.24 -10.83 24.51
C LYS A 229 -11.30 -11.28 25.62
N ARG A 230 -10.18 -11.90 25.23
CA ARG A 230 -9.28 -12.48 26.21
C ARG A 230 -8.67 -11.42 27.12
N PHE A 231 -8.35 -10.24 26.57
CA PHE A 231 -7.57 -9.27 27.32
C PHE A 231 -8.33 -8.03 27.76
N VAL A 232 -9.33 -7.58 27.00
CA VAL A 232 -10.16 -6.48 27.48
C VAL A 232 -11.20 -6.98 28.48
N ASP A 233 -11.80 -8.13 28.21
CA ASP A 233 -12.83 -8.70 29.06
C ASP A 233 -12.28 -9.73 30.04
N GLU A 234 -10.97 -9.99 30.01
CA GLU A 234 -10.37 -11.06 30.81
C GLU A 234 -11.08 -12.39 30.58
N ASP A 235 -11.64 -12.56 29.38
CA ASP A 235 -12.53 -13.67 29.06
C ASP A 235 -11.69 -14.86 28.62
N THR A 236 -11.46 -15.79 29.56
CA THR A 236 -10.68 -16.98 29.27
C THR A 236 -11.44 -17.99 28.42
N ARG A 237 -12.73 -17.78 28.17
CA ARG A 237 -13.46 -18.63 27.24
C ARG A 237 -12.90 -18.55 25.84
N TYR A 238 -12.11 -17.51 25.54
CA TYR A 238 -11.56 -17.30 24.21
C TYR A 238 -10.11 -17.71 24.10
N SER A 239 -9.49 -18.20 25.18
CA SER A 239 -8.14 -18.74 25.09
C SER A 239 -8.07 -19.94 24.16
N GLN A 240 -9.17 -20.70 24.06
CA GLN A 240 -9.19 -21.91 23.24
C GLN A 240 -8.89 -21.61 21.79
N PHE A 241 -9.19 -20.40 21.32
CA PHE A 241 -8.93 -20.02 19.94
C PHE A 241 -7.53 -19.47 19.73
N LEU A 242 -6.90 -18.98 20.79
CA LEU A 242 -5.57 -18.38 20.71
C LEU A 242 -4.46 -19.34 21.06
N CYS A 243 -4.72 -20.34 21.90
CA CYS A 243 -3.69 -21.27 22.35
C CYS A 243 -4.27 -22.68 22.31
N PRO A 244 -3.62 -23.62 21.62
CA PRO A 244 -2.37 -23.43 20.89
C PRO A 244 -2.54 -22.60 19.61
N ASN A 245 -1.43 -22.36 18.91
CA ASN A 245 -1.41 -21.42 17.79
C ASN A 245 -2.48 -21.79 16.77
N PRO A 246 -3.25 -20.81 16.28
CA PRO A 246 -4.20 -21.10 15.20
C PRO A 246 -3.53 -21.74 14.00
N THR A 247 -4.27 -22.60 13.31
CA THR A 247 -3.78 -23.35 12.17
C THR A 247 -4.57 -23.07 10.90
N ASP A 248 -5.30 -21.96 10.86
CA ASP A 248 -6.14 -21.64 9.72
C ASP A 248 -5.33 -21.64 8.43
N ARG A 249 -5.97 -22.07 7.34
CA ARG A 249 -5.29 -22.18 6.06
C ARG A 249 -4.79 -20.82 5.57
N ALA A 250 -5.51 -19.74 5.89
CA ALA A 250 -5.13 -18.40 5.46
C ALA A 250 -3.92 -17.85 6.20
N ILE A 251 -3.40 -18.57 7.19
CA ILE A 251 -2.26 -18.14 7.98
C ILE A 251 -1.01 -18.86 7.49
N CYS A 252 0.02 -18.09 7.15
CA CYS A 252 1.29 -18.67 6.70
C CYS A 252 2.36 -18.73 7.77
N GLU A 253 2.20 -17.98 8.87
CA GLU A 253 3.09 -18.11 10.02
C GLU A 253 2.37 -17.54 11.24
N TYR A 254 2.51 -18.24 12.36
CA TYR A 254 1.98 -17.79 13.64
C TYR A 254 3.02 -18.01 14.72
N ARG A 255 3.19 -17.01 15.59
CA ARG A 255 4.07 -17.11 16.74
C ARG A 255 3.31 -16.60 17.95
N SER A 256 3.63 -17.13 19.12
CA SER A 256 2.95 -16.69 20.34
C SER A 256 3.77 -17.06 21.56
N THR A 257 3.45 -16.42 22.67
CA THR A 257 3.94 -16.82 23.99
C THR A 257 2.88 -17.61 24.76
N CYS A 258 2.13 -18.45 24.05
CA CYS A 258 1.18 -19.35 24.69
C CYS A 258 1.91 -20.23 25.70
N PRO A 259 1.22 -20.66 26.78
CA PRO A 259 -0.21 -20.48 27.02
C PRO A 259 -0.60 -19.17 27.70
N TYR A 260 -1.79 -18.68 27.35
CA TYR A 260 -2.48 -17.62 28.07
C TYR A 260 -3.97 -17.71 27.79
N GLY B 1 27.12 11.28 -3.44
CA GLY B 1 26.09 11.81 -2.58
C GLY B 1 25.54 10.79 -1.59
N PRO B 2 24.69 11.26 -0.67
CA PRO B 2 24.10 10.33 0.31
C PRO B 2 23.23 9.25 -0.33
N ASN B 3 22.65 9.53 -1.50
CA ASN B 3 21.90 8.52 -2.24
C ASN B 3 22.83 7.83 -3.24
N PRO B 4 23.06 6.52 -3.11
CA PRO B 4 24.00 5.86 -4.03
C PRO B 4 23.46 5.67 -5.44
N TYR B 5 22.17 5.88 -5.66
CA TYR B 5 21.56 5.66 -6.97
C TYR B 5 21.44 6.93 -7.80
N GLU B 6 21.92 8.06 -7.30
CA GLU B 6 21.86 9.30 -8.07
C GLU B 6 22.82 9.23 -9.24
N ARG B 7 22.32 9.57 -10.44
CA ARG B 7 23.11 9.58 -11.65
C ARG B 7 22.85 10.88 -12.40
N GLY B 8 23.89 11.40 -13.04
CA GLY B 8 23.76 12.60 -13.85
C GLY B 8 23.77 13.87 -13.03
N PRO B 9 23.92 15.01 -13.70
CA PRO B 9 23.96 16.29 -13.00
C PRO B 9 22.60 16.67 -12.43
N ASP B 10 22.62 17.65 -11.54
CA ASP B 10 21.39 18.12 -10.91
C ASP B 10 20.43 18.61 -11.99
N PRO B 11 19.16 18.22 -11.93
CA PRO B 11 18.25 18.51 -13.05
C PRO B 11 17.69 19.94 -12.99
N THR B 12 17.34 20.43 -14.16
CA THR B 12 16.62 21.68 -14.34
C THR B 12 15.38 21.38 -15.16
N GLU B 13 14.47 22.35 -15.25
CA GLU B 13 13.27 22.13 -16.04
C GLU B 13 13.59 21.98 -17.53
N ASP B 14 14.67 22.61 -17.99
CA ASP B 14 15.11 22.42 -19.37
C ASP B 14 15.74 21.04 -19.58
N SER B 15 16.53 20.57 -18.62
CA SER B 15 17.29 19.33 -18.82
C SER B 15 16.39 18.11 -18.85
N ILE B 16 15.28 18.11 -18.10
CA ILE B 16 14.35 16.98 -18.18
C ILE B 16 13.59 16.98 -19.50
N GLU B 17 13.55 18.11 -20.20
CA GLU B 17 12.92 18.19 -21.50
C GLU B 17 13.88 17.88 -22.65
N ALA B 18 15.15 17.66 -22.36
CA ALA B 18 16.13 17.44 -23.41
C ALA B 18 15.90 16.10 -24.09
N ILE B 19 16.00 16.11 -25.42
CA ILE B 19 15.78 14.89 -26.20
C ILE B 19 16.87 13.86 -25.92
N ARG B 20 18.10 14.32 -25.67
CA ARG B 20 19.19 13.46 -25.25
C ARG B 20 19.66 13.90 -23.88
N GLY B 21 19.73 12.96 -22.94
CA GLY B 21 20.22 13.22 -21.61
C GLY B 21 21.73 13.17 -21.56
N PRO B 22 22.30 13.15 -20.34
CA PRO B 22 23.76 13.19 -20.21
C PRO B 22 24.48 11.90 -20.58
N PHE B 23 23.77 10.80 -20.82
CA PHE B 23 24.40 9.51 -21.11
C PHE B 23 24.22 9.15 -22.58
N SER B 24 25.28 8.59 -23.17
CA SER B 24 25.17 8.04 -24.51
C SER B 24 24.54 6.66 -24.43
N VAL B 25 23.95 6.22 -25.55
CA VAL B 25 23.09 5.04 -25.56
C VAL B 25 23.59 4.06 -26.61
N ALA B 26 23.72 2.80 -26.21
CA ALA B 26 23.93 1.69 -27.14
C ALA B 26 22.73 0.75 -27.04
N THR B 27 22.61 -0.16 -28.00
CA THR B 27 21.45 -1.03 -28.10
C THR B 27 21.85 -2.49 -28.17
N GLU B 28 20.91 -3.35 -27.78
CA GLU B 28 21.05 -4.79 -27.92
C GLU B 28 19.72 -5.35 -28.38
N ARG B 29 19.74 -6.17 -29.42
CA ARG B 29 18.54 -6.80 -29.94
C ARG B 29 18.33 -8.16 -29.28
N VAL B 30 17.08 -8.48 -28.97
CA VAL B 30 16.72 -9.75 -28.33
C VAL B 30 15.78 -10.51 -29.24
N SER B 31 16.15 -11.77 -29.52
CA SER B 31 15.38 -12.60 -30.45
C SER B 31 13.99 -12.89 -29.91
N SER B 32 13.05 -13.12 -30.83
CA SER B 32 11.70 -13.48 -30.43
C SER B 32 11.64 -14.83 -29.74
N PHE B 33 12.70 -15.63 -29.83
CA PHE B 33 12.74 -16.93 -29.19
C PHE B 33 13.21 -16.85 -27.74
N ALA B 34 13.38 -15.65 -27.20
CA ALA B 34 13.51 -15.49 -25.76
C ALA B 34 12.28 -16.07 -25.07
N SER B 35 12.46 -16.47 -23.81
CA SER B 35 11.43 -17.22 -23.10
C SER B 35 10.44 -16.28 -22.44
N GLY B 36 9.15 -16.51 -22.69
CA GLY B 36 8.09 -15.81 -22.01
C GLY B 36 7.65 -14.50 -22.60
N PHE B 37 8.30 -14.04 -23.67
CA PHE B 37 7.88 -12.82 -24.36
C PHE B 37 8.42 -12.88 -25.79
N GLY B 38 8.13 -11.83 -26.56
CA GLY B 38 8.44 -11.84 -27.98
C GLY B 38 9.73 -11.14 -28.36
N GLY B 39 10.66 -11.03 -27.42
CA GLY B 39 11.91 -10.34 -27.69
C GLY B 39 11.75 -8.83 -27.60
N GLY B 40 12.78 -8.12 -28.05
CA GLY B 40 12.72 -6.67 -28.06
C GLY B 40 14.08 -6.06 -28.32
N THR B 41 14.23 -4.80 -27.95
CA THR B 41 15.45 -4.04 -28.11
C THR B 41 15.79 -3.40 -26.77
N ILE B 42 17.01 -3.63 -26.29
CA ILE B 42 17.47 -3.06 -25.02
C ILE B 42 18.30 -1.83 -25.30
N TYR B 43 17.93 -0.71 -24.69
CA TYR B 43 18.68 0.53 -24.75
C TYR B 43 19.33 0.75 -23.40
N TYR B 44 20.64 0.98 -23.38
CA TYR B 44 21.37 1.06 -22.13
C TYR B 44 22.38 2.20 -22.18
N PRO B 45 22.64 2.83 -21.04
CA PRO B 45 23.66 3.89 -21.00
C PRO B 45 25.05 3.29 -21.12
N ARG B 46 25.89 3.94 -21.94
CA ARG B 46 27.22 3.40 -22.19
C ARG B 46 28.20 3.71 -21.08
N GLU B 47 28.08 4.87 -20.44
CA GLU B 47 29.01 5.25 -19.39
C GLU B 47 28.77 4.44 -18.12
N THR B 48 29.85 3.86 -17.58
CA THR B 48 29.77 2.99 -16.43
C THR B 48 30.37 3.59 -15.17
N ASP B 49 30.87 4.82 -15.22
CA ASP B 49 31.68 5.35 -14.13
C ASP B 49 30.89 6.04 -13.03
N GLU B 50 29.55 6.00 -13.09
CA GLU B 50 28.73 6.44 -11.98
C GLU B 50 28.01 5.30 -11.27
N GLY B 51 28.12 4.08 -11.76
CA GLY B 51 27.46 2.93 -11.17
C GLY B 51 26.47 2.29 -12.13
N THR B 52 25.88 1.20 -11.64
CA THR B 52 24.85 0.51 -12.42
C THR B 52 23.55 1.31 -12.41
N PHE B 53 22.61 0.89 -13.25
CA PHE B 53 21.35 1.60 -13.42
C PHE B 53 20.18 0.65 -13.23
N GLY B 54 19.02 1.23 -12.92
CA GLY B 54 17.79 0.49 -12.94
C GLY B 54 17.30 0.29 -14.36
N ALA B 55 16.21 -0.46 -14.50
CA ALA B 55 15.68 -0.81 -15.81
C ALA B 55 14.15 -0.72 -15.81
N VAL B 56 13.60 -0.44 -16.98
CA VAL B 56 12.14 -0.40 -17.18
C VAL B 56 11.80 -1.16 -18.46
N ALA B 57 10.83 -2.05 -18.37
CA ALA B 57 10.31 -2.79 -19.51
C ALA B 57 9.06 -2.07 -20.04
N VAL B 58 8.93 -2.02 -21.36
CA VAL B 58 7.94 -1.17 -22.02
C VAL B 58 7.12 -2.03 -22.97
N ALA B 59 5.81 -2.11 -22.72
CA ALA B 59 4.92 -2.98 -23.47
C ALA B 59 4.04 -2.19 -24.43
N PRO B 60 3.75 -2.74 -25.62
CA PRO B 60 2.89 -2.03 -26.58
C PRO B 60 1.43 -2.39 -26.40
N GLY B 61 0.56 -1.75 -27.19
CA GLY B 61 -0.86 -2.02 -27.13
C GLY B 61 -1.26 -3.17 -28.03
N PHE B 62 -2.56 -3.48 -28.00
CA PHE B 62 -3.16 -4.52 -28.81
C PHE B 62 -2.82 -4.35 -30.29
N THR B 63 -2.34 -5.42 -30.90
CA THR B 63 -1.88 -5.51 -32.29
C THR B 63 -0.63 -4.69 -32.58
N ALA B 64 -0.06 -4.00 -31.59
CA ALA B 64 1.11 -3.16 -31.81
C ALA B 64 2.39 -3.91 -31.47
N SER B 65 3.50 -3.35 -31.95
CA SER B 65 4.83 -3.91 -31.73
C SER B 65 5.72 -2.84 -31.08
N GLN B 66 6.98 -3.21 -30.84
CA GLN B 66 7.90 -2.30 -30.16
C GLN B 66 8.17 -1.03 -30.97
N GLY B 67 7.91 -1.07 -32.28
CA GLY B 67 8.08 0.14 -33.08
C GLY B 67 7.25 1.30 -32.58
N SER B 68 6.03 1.01 -32.11
CA SER B 68 5.16 2.05 -31.59
C SER B 68 5.68 2.66 -30.31
N MET B 69 6.64 2.01 -29.64
CA MET B 69 7.21 2.49 -28.39
C MET B 69 8.69 2.83 -28.51
N SER B 70 9.23 2.85 -29.74
CA SER B 70 10.68 2.92 -29.92
C SER B 70 11.26 4.24 -29.42
N TRP B 71 10.51 5.35 -29.51
CA TRP B 71 11.07 6.64 -29.17
C TRP B 71 11.39 6.78 -27.69
N TYR B 72 10.81 5.92 -26.84
CA TYR B 72 11.19 5.92 -25.42
C TYR B 72 12.61 5.41 -25.22
N GLY B 73 13.09 4.54 -26.11
CA GLY B 73 14.38 3.91 -25.97
C GLY B 73 15.54 4.85 -25.72
N GLU B 74 15.95 5.60 -26.75
CA GLU B 74 17.09 6.49 -26.59
C GLU B 74 16.78 7.63 -25.63
N ARG B 75 15.54 8.12 -25.65
CA ARG B 75 15.21 9.29 -24.84
C ARG B 75 15.34 8.99 -23.35
N VAL B 76 14.68 7.93 -22.88
CA VAL B 76 14.71 7.63 -21.45
C VAL B 76 16.07 7.07 -21.04
N ALA B 77 16.67 6.21 -21.88
CA ALA B 77 17.95 5.62 -21.53
C ALA B 77 19.06 6.65 -21.42
N SER B 78 19.00 7.71 -22.23
CA SER B 78 20.00 8.76 -22.18
C SER B 78 19.96 9.57 -20.89
N HIS B 79 18.88 9.46 -20.12
CA HIS B 79 18.81 10.08 -18.81
C HIS B 79 19.23 9.14 -17.68
N GLY B 80 19.65 7.91 -18.00
CA GLY B 80 20.24 7.03 -17.01
C GLY B 80 19.43 5.80 -16.67
N PHE B 81 18.92 5.10 -17.67
CA PHE B 81 18.11 3.91 -17.43
C PHE B 81 18.37 2.88 -18.51
N ILE B 82 18.13 1.63 -18.18
CA ILE B 82 18.07 0.55 -19.17
C ILE B 82 16.62 0.39 -19.59
N VAL B 83 16.35 0.55 -20.89
CA VAL B 83 15.00 0.54 -21.41
C VAL B 83 14.85 -0.62 -22.38
N PHE B 84 13.85 -1.45 -22.13
CA PHE B 84 13.60 -2.68 -22.90
C PHE B 84 12.24 -2.53 -23.55
N THR B 85 12.22 -2.21 -24.84
CA THR B 85 10.98 -2.16 -25.60
C THR B 85 10.72 -3.55 -26.16
N ILE B 86 9.63 -4.17 -25.71
CA ILE B 86 9.36 -5.58 -25.97
C ILE B 86 8.23 -5.73 -26.99
N ASP B 87 8.27 -6.85 -27.69
CA ASP B 87 7.14 -7.35 -28.46
C ASP B 87 6.46 -8.44 -27.65
N THR B 88 5.16 -8.63 -27.89
CA THR B 88 4.43 -9.64 -27.15
C THR B 88 4.49 -10.99 -27.88
N ASN B 89 4.06 -12.04 -27.17
CA ASN B 89 4.03 -13.38 -27.77
C ASN B 89 3.17 -13.40 -29.03
N THR B 90 1.97 -12.83 -28.95
CA THR B 90 1.14 -12.60 -30.12
C THR B 90 0.58 -11.19 -30.03
N ARG B 91 0.15 -10.66 -31.18
CA ARG B 91 -0.37 -9.30 -31.24
C ARG B 91 -1.72 -9.15 -30.54
N LEU B 92 -2.43 -10.25 -30.28
CA LEU B 92 -3.75 -10.20 -29.70
C LEU B 92 -3.76 -10.43 -28.19
N ASP B 93 -2.59 -10.43 -27.54
CA ASP B 93 -2.51 -10.77 -26.13
C ASP B 93 -3.27 -9.76 -25.27
N ALA B 94 -3.89 -10.27 -24.21
CA ALA B 94 -4.72 -9.48 -23.30
C ALA B 94 -3.85 -8.75 -22.28
N PRO B 95 -4.42 -7.83 -21.50
CA PRO B 95 -3.58 -7.10 -20.52
C PRO B 95 -2.89 -7.99 -19.50
N GLY B 96 -3.57 -9.01 -18.97
CA GLY B 96 -2.92 -9.91 -18.03
C GLY B 96 -1.71 -10.59 -18.64
N GLN B 97 -1.86 -11.10 -19.87
CA GLN B 97 -0.73 -11.72 -20.55
C GLN B 97 0.40 -10.72 -20.78
N ARG B 98 0.06 -9.47 -21.09
CA ARG B 98 1.09 -8.45 -21.25
C ARG B 98 1.80 -8.17 -19.92
N GLY B 99 1.09 -8.31 -18.80
CA GLY B 99 1.75 -8.14 -17.51
C GLY B 99 2.76 -9.23 -17.23
N ARG B 100 2.41 -10.48 -17.53
CA ARG B 100 3.35 -11.59 -17.34
C ARG B 100 4.58 -11.44 -18.23
N GLN B 101 4.39 -10.95 -19.46
CA GLN B 101 5.52 -10.82 -20.37
C GLN B 101 6.41 -9.64 -20.00
N LEU B 102 5.85 -8.58 -19.42
CA LEU B 102 6.66 -7.52 -18.85
C LEU B 102 7.60 -8.08 -17.78
N LEU B 103 7.10 -9.00 -16.95
CA LEU B 103 7.95 -9.59 -15.92
C LEU B 103 8.96 -10.56 -16.53
N ALA B 104 8.54 -11.33 -17.53
CA ALA B 104 9.47 -12.22 -18.23
C ALA B 104 10.60 -11.43 -18.87
N ALA B 105 10.29 -10.26 -19.42
CA ALA B 105 11.33 -9.43 -20.03
C ALA B 105 12.28 -8.88 -18.98
N LEU B 106 11.76 -8.51 -17.81
CA LEU B 106 12.63 -8.04 -16.73
C LEU B 106 13.51 -9.17 -16.22
N ASP B 107 12.96 -10.38 -16.07
CA ASP B 107 13.76 -11.52 -15.65
C ASP B 107 14.81 -11.87 -16.69
N TYR B 108 14.52 -11.64 -17.97
CA TYR B 108 15.53 -11.84 -19.00
C TYR B 108 16.72 -10.91 -18.76
N LEU B 109 16.45 -9.63 -18.48
CA LEU B 109 17.52 -8.69 -18.22
C LEU B 109 18.42 -9.14 -17.08
N VAL B 110 17.82 -9.73 -16.04
CA VAL B 110 18.57 -10.11 -14.85
C VAL B 110 19.35 -11.39 -15.08
N GLU B 111 18.76 -12.35 -15.80
CA GLU B 111 19.28 -13.71 -15.84
C GLU B 111 20.00 -14.07 -17.12
N ARG B 112 19.59 -13.54 -18.27
CA ARG B 112 20.03 -14.06 -19.55
C ARG B 112 20.59 -13.04 -20.53
N SER B 113 20.55 -11.75 -20.21
CA SER B 113 20.90 -10.72 -21.18
C SER B 113 22.41 -10.72 -21.43
N ASP B 114 22.80 -9.98 -22.48
CA ASP B 114 24.20 -9.85 -22.85
C ASP B 114 24.99 -9.21 -21.71
N ARG B 115 26.27 -9.59 -21.61
CA ARG B 115 27.11 -9.12 -20.52
C ARG B 115 27.19 -7.59 -20.48
N LYS B 116 27.15 -6.94 -21.65
CA LYS B 116 27.18 -5.48 -21.66
C LYS B 116 25.99 -4.88 -20.95
N VAL B 117 24.82 -5.53 -21.02
CA VAL B 117 23.65 -5.07 -20.29
C VAL B 117 23.72 -5.52 -18.83
N ARG B 118 24.13 -6.77 -18.59
CA ARG B 118 24.10 -7.33 -17.25
C ARG B 118 25.02 -6.56 -16.30
N GLU B 119 26.19 -6.15 -16.79
CA GLU B 119 27.16 -5.46 -15.94
C GLU B 119 26.73 -4.03 -15.58
N ARG B 120 25.78 -3.47 -16.31
CA ARG B 120 25.27 -2.12 -16.03
C ARG B 120 23.97 -2.14 -15.26
N LEU B 121 23.44 -3.31 -14.94
CA LEU B 121 22.10 -3.46 -14.40
C LEU B 121 22.16 -3.66 -12.89
N ASP B 122 21.35 -2.88 -12.16
CA ASP B 122 21.05 -3.20 -10.78
C ASP B 122 19.79 -4.05 -10.80
N PRO B 123 19.87 -5.35 -10.50
CA PRO B 123 18.68 -6.21 -10.59
C PRO B 123 17.62 -5.93 -9.54
N ASN B 124 17.91 -5.07 -8.57
CA ASN B 124 16.98 -4.79 -7.49
C ASN B 124 16.02 -3.65 -7.81
N ARG B 125 16.27 -2.90 -8.88
CA ARG B 125 15.54 -1.66 -9.17
C ARG B 125 14.92 -1.77 -10.55
N LEU B 126 13.68 -2.27 -10.62
CA LEU B 126 13.02 -2.56 -11.88
C LEU B 126 11.66 -1.89 -11.92
N ALA B 127 11.22 -1.52 -13.12
CA ALA B 127 9.96 -0.81 -13.31
C ALA B 127 9.27 -1.31 -14.58
N VAL B 128 7.98 -0.97 -14.70
CA VAL B 128 7.18 -1.35 -15.86
C VAL B 128 6.50 -0.11 -16.42
N MET B 129 6.29 -0.13 -17.74
CA MET B 129 5.56 0.92 -18.45
C MET B 129 4.89 0.25 -19.64
N GLY B 130 3.72 0.76 -20.03
CA GLY B 130 2.97 0.15 -21.11
C GLY B 130 1.94 1.09 -21.69
N HIS B 131 1.65 0.88 -22.97
CA HIS B 131 0.67 1.68 -23.69
C HIS B 131 -0.58 0.86 -23.95
N ALA B 132 -1.74 1.46 -23.67
CA ALA B 132 -3.05 0.87 -24.00
C ALA B 132 -3.23 -0.43 -23.23
N MET B 133 -3.49 -1.55 -23.89
CA MET B 133 -3.55 -2.84 -23.21
C MET B 133 -2.23 -3.15 -22.52
N GLY B 134 -1.12 -2.69 -23.07
CA GLY B 134 0.14 -2.77 -22.35
C GLY B 134 0.15 -1.94 -21.09
N GLY B 135 -0.58 -0.82 -21.08
CA GLY B 135 -0.77 -0.08 -19.85
C GLY B 135 -1.61 -0.83 -18.83
N GLY B 136 -2.65 -1.53 -19.30
CA GLY B 136 -3.33 -2.48 -18.44
C GLY B 136 -2.41 -3.58 -17.96
N GLY B 137 -1.46 -4.00 -18.81
CA GLY B 137 -0.45 -4.95 -18.39
C GLY B 137 0.49 -4.40 -17.34
N SER B 138 0.80 -3.11 -17.39
CA SER B 138 1.64 -2.50 -16.37
C SER B 138 0.96 -2.57 -15.00
N LEU B 139 -0.35 -2.30 -14.95
CA LEU B 139 -1.11 -2.46 -13.72
C LEU B 139 -1.08 -3.91 -13.26
N GLU B 140 -1.35 -4.83 -14.19
CA GLU B 140 -1.33 -6.25 -13.87
C GLU B 140 0.02 -6.66 -13.28
N ALA B 141 1.11 -6.20 -13.88
CA ALA B 141 2.44 -6.62 -13.44
C ALA B 141 2.73 -6.21 -12.00
N THR B 142 2.20 -5.06 -11.56
CA THR B 142 2.47 -4.62 -10.20
C THR B 142 1.74 -5.48 -9.17
N VAL B 143 0.54 -5.95 -9.50
CA VAL B 143 -0.15 -6.90 -8.64
C VAL B 143 0.59 -8.24 -8.65
N MET B 144 1.20 -8.60 -9.79
CA MET B 144 1.93 -9.87 -9.89
C MET B 144 3.30 -9.80 -9.22
N ARG B 145 3.89 -8.61 -9.12
CA ARG B 145 5.23 -8.46 -8.52
C ARG B 145 5.29 -7.13 -7.78
N PRO B 146 4.83 -7.10 -6.53
CA PRO B 146 4.81 -5.84 -5.77
C PRO B 146 6.17 -5.28 -5.42
N SER B 147 7.25 -5.99 -5.73
CA SER B 147 8.59 -5.47 -5.49
C SER B 147 9.07 -4.49 -6.56
N LEU B 148 8.30 -4.33 -7.63
CA LEU B 148 8.65 -3.36 -8.65
C LEU B 148 8.70 -1.96 -8.06
N LYS B 149 9.56 -1.12 -8.63
CA LYS B 149 9.78 0.23 -8.11
C LYS B 149 8.82 1.25 -8.66
N ALA B 150 8.39 1.12 -9.91
CA ALA B 150 7.51 2.10 -10.52
C ALA B 150 6.68 1.44 -11.62
N SER B 151 5.57 2.08 -11.94
CA SER B 151 4.65 1.62 -12.97
C SER B 151 4.07 2.82 -13.68
N ILE B 152 4.09 2.82 -15.01
CA ILE B 152 3.59 3.95 -15.78
C ILE B 152 2.62 3.46 -16.86
N PRO B 153 1.32 3.37 -16.58
CA PRO B 153 0.34 2.99 -17.61
C PRO B 153 0.00 4.18 -18.50
N LEU B 154 0.27 4.04 -19.80
CA LEU B 154 0.08 5.12 -20.77
C LEU B 154 -1.21 4.85 -21.53
N THR B 155 -2.14 5.81 -21.46
CA THR B 155 -3.50 5.68 -21.97
C THR B 155 -4.03 4.24 -21.79
N PRO B 156 -4.11 3.77 -20.55
CA PRO B 156 -4.32 2.35 -20.31
C PRO B 156 -5.74 1.87 -20.61
N TRP B 157 -5.82 0.63 -21.06
CA TRP B 157 -7.07 -0.07 -21.31
C TRP B 157 -7.11 -1.31 -20.44
N HIS B 158 -8.21 -1.48 -19.71
CA HIS B 158 -8.39 -2.69 -18.91
C HIS B 158 -9.86 -2.83 -18.56
N LEU B 159 -10.34 -4.06 -18.53
CA LEU B 159 -11.75 -4.32 -18.20
C LEU B 159 -12.02 -4.23 -16.71
N ASP B 160 -11.02 -4.46 -15.87
CA ASP B 160 -11.17 -4.40 -14.42
C ASP B 160 -10.83 -2.99 -13.94
N LYS B 161 -11.74 -2.39 -13.17
CA LYS B 161 -11.65 -0.98 -12.83
C LYS B 161 -11.17 -0.72 -11.41
N THR B 162 -10.86 -1.76 -10.63
CA THR B 162 -10.50 -1.61 -9.22
C THR B 162 -9.08 -2.12 -9.03
N TRP B 163 -8.22 -1.28 -8.45
CA TRP B 163 -6.80 -1.60 -8.29
C TRP B 163 -6.33 -1.25 -6.89
N GLY B 164 -7.14 -1.55 -5.89
CA GLY B 164 -6.86 -1.11 -4.54
C GLY B 164 -5.79 -1.88 -3.80
N GLN B 165 -5.21 -2.90 -4.41
CA GLN B 165 -4.18 -3.70 -3.78
C GLN B 165 -2.78 -3.39 -4.32
N VAL B 166 -2.65 -2.37 -5.16
CA VAL B 166 -1.37 -2.04 -5.78
C VAL B 166 -0.48 -1.34 -4.76
N GLN B 167 0.78 -1.78 -4.68
CA GLN B 167 1.76 -1.20 -3.76
C GLN B 167 2.92 -0.53 -4.47
N VAL B 168 2.88 -0.44 -5.80
CA VAL B 168 3.97 0.11 -6.59
C VAL B 168 3.59 1.52 -7.01
N PRO B 169 4.47 2.53 -6.82
CA PRO B 169 4.15 3.89 -7.26
C PRO B 169 3.76 3.96 -8.73
N THR B 170 2.57 4.50 -9.01
CA THR B 170 1.94 4.39 -10.33
C THR B 170 1.63 5.78 -10.88
N PHE B 171 2.07 6.04 -12.10
CA PHE B 171 1.83 7.31 -12.80
C PHE B 171 1.03 6.99 -14.05
N ILE B 172 -0.24 7.37 -14.06
CA ILE B 172 -1.14 7.10 -15.17
C ILE B 172 -1.22 8.34 -16.04
N ILE B 173 -1.05 8.17 -17.34
CA ILE B 173 -1.18 9.26 -18.30
C ILE B 173 -2.36 8.97 -19.19
N GLY B 174 -3.32 9.89 -19.23
CA GLY B 174 -4.48 9.78 -20.08
C GLY B 174 -4.46 10.83 -21.18
N ALA B 175 -5.33 10.63 -22.17
CA ALA B 175 -5.47 11.52 -23.30
C ALA B 175 -6.90 12.07 -23.32
N GLU B 176 -7.03 13.39 -23.37
CA GLU B 176 -8.34 14.02 -23.23
C GLU B 176 -9.33 13.52 -24.28
N LEU B 177 -8.89 13.43 -25.54
CA LEU B 177 -9.74 13.01 -26.64
C LEU B 177 -9.51 11.55 -27.02
N ASP B 178 -9.11 10.71 -26.06
CA ASP B 178 -9.07 9.27 -26.24
C ASP B 178 -10.50 8.74 -26.21
N THR B 179 -10.97 8.18 -27.33
CA THR B 179 -12.29 7.55 -27.37
C THR B 179 -12.22 6.04 -27.50
N ILE B 180 -11.02 5.47 -27.49
CA ILE B 180 -10.84 4.02 -27.47
C ILE B 180 -10.76 3.49 -26.03
N ALA B 181 -9.96 4.17 -25.20
CA ALA B 181 -9.88 3.90 -23.77
C ALA B 181 -10.20 5.19 -23.03
N PRO B 182 -11.47 5.60 -23.04
CA PRO B 182 -11.83 6.92 -22.47
C PRO B 182 -11.38 7.06 -21.02
N VAL B 183 -10.84 8.23 -20.70
CA VAL B 183 -10.32 8.46 -19.36
C VAL B 183 -11.42 8.33 -18.31
N SER B 184 -12.68 8.60 -18.70
CA SER B 184 -13.77 8.56 -17.73
C SER B 184 -14.03 7.13 -17.24
N THR B 185 -13.72 6.13 -18.06
CA THR B 185 -14.00 4.74 -17.70
C THR B 185 -12.75 3.87 -17.62
N HIS B 186 -11.58 4.39 -17.98
CA HIS B 186 -10.35 3.64 -17.82
C HIS B 186 -9.36 4.38 -16.92
N ALA B 187 -8.66 5.36 -17.48
CA ALA B 187 -7.55 6.02 -16.77
C ALA B 187 -7.97 6.57 -15.42
N LYS B 188 -8.99 7.43 -15.39
CA LYS B 188 -9.42 8.03 -14.13
C LYS B 188 -9.92 7.00 -13.12
N PRO B 189 -10.80 6.05 -13.46
CA PRO B 189 -11.19 5.03 -12.47
C PRO B 189 -10.03 4.21 -11.94
N PHE B 190 -9.06 3.86 -12.80
CA PHE B 190 -7.87 3.16 -12.32
C PHE B 190 -7.15 3.98 -11.26
N TYR B 191 -6.88 5.26 -11.56
CA TYR B 191 -6.14 6.11 -10.63
C TYR B 191 -6.89 6.27 -9.32
N GLU B 192 -8.20 6.54 -9.39
CA GLU B 192 -8.96 6.79 -8.17
C GLU B 192 -9.13 5.53 -7.32
N SER B 193 -9.01 4.35 -7.92
CA SER B 193 -9.11 3.11 -7.17
C SER B 193 -7.80 2.68 -6.55
N LEU B 194 -6.67 3.22 -7.01
CA LEU B 194 -5.40 2.98 -6.36
C LEU B 194 -5.49 3.45 -4.92
N PRO B 195 -4.68 2.87 -4.02
CA PRO B 195 -4.75 3.27 -2.61
C PRO B 195 -4.51 4.76 -2.42
N SER B 196 -5.35 5.37 -1.58
CA SER B 196 -5.21 6.79 -1.27
C SER B 196 -3.81 7.11 -0.73
N SER B 197 -3.14 6.11 -0.16
CA SER B 197 -1.83 6.26 0.44
C SER B 197 -0.69 5.96 -0.53
N LEU B 198 -0.99 5.45 -1.71
CA LEU B 198 0.06 5.10 -2.64
C LEU B 198 0.64 6.36 -3.27
N PRO B 199 1.96 6.43 -3.47
CA PRO B 199 2.52 7.51 -4.27
C PRO B 199 2.04 7.38 -5.70
N LYS B 200 1.16 8.29 -6.15
CA LYS B 200 0.56 8.14 -7.46
C LYS B 200 0.33 9.50 -8.08
N ALA B 201 0.11 9.50 -9.39
CA ALA B 201 -0.17 10.71 -10.15
C ALA B 201 -0.99 10.36 -11.37
N TYR B 202 -1.80 11.32 -11.82
CA TYR B 202 -2.57 11.19 -13.05
C TYR B 202 -2.39 12.47 -13.85
N MET B 203 -1.99 12.34 -15.11
CA MET B 203 -1.76 13.47 -15.98
C MET B 203 -2.56 13.27 -17.25
N GLU B 204 -3.45 14.20 -17.56
CA GLU B 204 -4.29 14.16 -18.75
C GLU B 204 -3.78 15.19 -19.74
N LEU B 205 -3.50 14.75 -20.96
CA LEU B 205 -2.96 15.61 -22.00
C LEU B 205 -4.09 16.27 -22.78
N CYS B 206 -4.02 17.59 -22.93
CA CYS B 206 -5.06 18.33 -23.64
C CYS B 206 -5.12 17.91 -25.10
N GLY B 207 -6.32 17.61 -25.57
CA GLY B 207 -6.56 17.35 -26.98
C GLY B 207 -5.83 16.14 -27.55
N ALA B 208 -5.32 15.26 -26.71
CA ALA B 208 -4.51 14.14 -27.18
C ALA B 208 -5.39 12.94 -27.52
N THR B 209 -4.88 12.10 -28.41
CA THR B 209 -5.58 10.90 -28.83
C THR B 209 -5.02 9.67 -28.11
N HIS B 210 -5.69 8.54 -28.34
CA HIS B 210 -5.28 7.26 -27.79
C HIS B 210 -3.86 6.89 -28.20
N PHE B 211 -3.36 7.46 -29.29
CA PHE B 211 -2.06 7.10 -29.84
C PHE B 211 -1.02 8.19 -29.61
N ALA B 212 -1.36 9.22 -28.87
CA ALA B 212 -0.37 10.23 -28.49
C ALA B 212 0.89 9.67 -27.85
N PRO B 213 0.84 8.63 -27.01
CA PRO B 213 2.10 8.08 -26.46
C PRO B 213 3.01 7.40 -27.50
N ASN B 214 2.56 7.22 -28.73
CA ASN B 214 3.39 6.57 -29.74
C ASN B 214 4.27 7.53 -30.53
N ILE B 215 4.23 8.83 -30.22
CA ILE B 215 5.09 9.79 -30.92
C ILE B 215 5.80 10.67 -29.89
N PRO B 216 6.99 11.17 -30.18
CA PRO B 216 7.73 11.98 -29.20
C PRO B 216 6.90 13.12 -28.63
N ASN B 217 6.87 13.21 -27.31
CA ASN B 217 6.06 14.18 -26.59
C ASN B 217 6.86 14.63 -25.38
N THR B 218 7.25 15.91 -25.36
CA THR B 218 8.12 16.40 -24.29
C THR B 218 7.41 16.37 -22.95
N THR B 219 6.11 16.67 -22.93
CA THR B 219 5.35 16.61 -21.68
C THR B 219 5.35 15.19 -21.10
N ILE B 220 5.12 14.19 -21.96
CA ILE B 220 5.24 12.80 -21.51
C ILE B 220 6.66 12.51 -21.04
N ALA B 221 7.65 12.88 -21.85
CA ALA B 221 9.04 12.49 -21.58
C ALA B 221 9.55 13.08 -20.28
N LYS B 222 9.31 14.37 -20.04
CA LYS B 222 9.87 15.03 -18.88
C LYS B 222 9.37 14.44 -17.57
N TYR B 223 8.13 13.94 -17.55
CA TYR B 223 7.53 13.41 -16.33
C TYR B 223 7.61 11.90 -16.21
N VAL B 224 7.73 11.18 -17.32
CA VAL B 224 8.16 9.78 -17.22
C VAL B 224 9.57 9.70 -16.65
N ILE B 225 10.46 10.59 -17.10
CA ILE B 225 11.83 10.62 -16.59
C ILE B 225 11.84 10.97 -15.10
N SER B 226 11.06 11.98 -14.72
CA SER B 226 11.02 12.40 -13.33
C SER B 226 10.46 11.30 -12.43
N TRP B 227 9.43 10.60 -12.90
CA TRP B 227 8.83 9.52 -12.11
C TRP B 227 9.83 8.38 -11.93
N LEU B 228 10.50 7.97 -13.00
CA LEU B 228 11.48 6.90 -12.91
C LEU B 228 12.67 7.31 -12.05
N LYS B 229 13.12 8.55 -12.17
CA LYS B 229 14.20 9.03 -11.31
C LYS B 229 13.76 9.00 -9.85
N ARG B 230 12.58 9.53 -9.55
CA ARG B 230 12.14 9.64 -8.16
C ARG B 230 11.95 8.28 -7.51
N PHE B 231 11.46 7.29 -8.26
CA PHE B 231 11.09 6.02 -7.65
C PHE B 231 12.00 4.85 -8.00
N VAL B 232 12.58 4.82 -9.20
CA VAL B 232 13.57 3.78 -9.48
C VAL B 232 14.92 4.11 -8.85
N ASP B 233 15.31 5.39 -8.87
CA ASP B 233 16.57 5.82 -8.30
C ASP B 233 16.42 6.42 -6.91
N GLU B 234 15.19 6.50 -6.39
CA GLU B 234 14.93 7.15 -5.09
C GLU B 234 15.50 8.57 -5.07
N ASP B 235 15.46 9.24 -6.23
CA ASP B 235 16.15 10.50 -6.44
C ASP B 235 15.20 11.63 -6.10
N THR B 236 15.40 12.26 -4.94
CA THR B 236 14.56 13.37 -4.53
C THR B 236 14.92 14.69 -5.22
N ARG B 237 15.97 14.73 -6.04
CA ARG B 237 16.21 15.89 -6.86
C ARG B 237 15.11 16.11 -7.88
N TYR B 238 14.34 15.08 -8.20
CA TYR B 238 13.28 15.15 -9.19
C TYR B 238 11.90 15.36 -8.58
N SER B 239 11.81 15.44 -7.25
CA SER B 239 10.54 15.75 -6.60
C SER B 239 10.08 17.17 -6.93
N GLN B 240 11.01 18.08 -7.19
CA GLN B 240 10.66 19.47 -7.51
C GLN B 240 9.78 19.55 -8.75
N PHE B 241 9.92 18.58 -9.67
CA PHE B 241 9.15 18.58 -10.89
C PHE B 241 7.79 17.89 -10.76
N LEU B 242 7.66 16.98 -9.79
CA LEU B 242 6.43 16.24 -9.59
C LEU B 242 5.52 16.86 -8.54
N CYS B 243 6.08 17.51 -7.54
CA CYS B 243 5.31 18.13 -6.47
C CYS B 243 5.81 19.56 -6.25
N PRO B 244 4.92 20.57 -6.25
CA PRO B 244 3.48 20.44 -6.44
C PRO B 244 3.11 20.04 -7.87
N ASN B 245 1.84 19.79 -8.13
CA ASN B 245 1.43 19.24 -9.41
C ASN B 245 1.99 20.08 -10.55
N PRO B 246 2.50 19.46 -11.61
CA PRO B 246 2.94 20.23 -12.78
C PRO B 246 1.82 21.11 -13.33
N THR B 247 2.21 22.22 -13.96
CA THR B 247 1.28 23.19 -14.51
C THR B 247 1.50 23.45 -15.98
N ASP B 248 2.13 22.51 -16.70
CA ASP B 248 2.39 22.67 -18.12
C ASP B 248 1.10 23.01 -18.87
N ARG B 249 1.23 23.84 -19.91
CA ARG B 249 0.08 24.22 -20.70
C ARG B 249 -0.53 23.01 -21.42
N ALA B 250 0.28 21.98 -21.67
CA ALA B 250 -0.17 20.79 -22.36
C ALA B 250 -1.03 19.88 -21.49
N ILE B 251 -1.12 20.14 -20.19
CA ILE B 251 -1.85 19.30 -19.25
C ILE B 251 -3.22 19.91 -19.01
N CYS B 252 -4.27 19.09 -19.15
CA CYS B 252 -5.64 19.51 -18.88
C CYS B 252 -6.12 19.13 -17.49
N GLU B 253 -5.53 18.12 -16.87
CA GLU B 253 -5.86 17.74 -15.50
C GLU B 253 -4.66 17.01 -14.91
N TYR B 254 -4.34 17.33 -13.67
CA TYR B 254 -3.31 16.63 -12.93
C TYR B 254 -3.82 16.34 -11.53
N ARG B 255 -3.70 15.09 -11.10
CA ARG B 255 -4.01 14.67 -9.74
C ARG B 255 -2.81 13.93 -9.20
N SER B 256 -2.61 13.98 -7.87
CA SER B 256 -1.46 13.32 -7.26
C SER B 256 -1.68 13.23 -5.75
N THR B 257 -0.90 12.35 -5.13
CA THR B 257 -0.80 12.26 -3.67
C THR B 257 0.47 12.92 -3.15
N CYS B 258 0.87 14.02 -3.76
CA CYS B 258 1.95 14.87 -3.24
C CYS B 258 1.61 15.25 -1.80
N PRO B 259 2.62 15.47 -0.94
CA PRO B 259 4.05 15.49 -1.24
C PRO B 259 4.74 14.12 -1.28
N TYR B 260 5.58 13.95 -2.29
CA TYR B 260 6.62 12.93 -2.25
C TYR B 260 7.89 13.50 -2.88
CAA A1L0L C . 4.94 6.17 4.03
CAB A1L0L C . 5.27 5.36 5.12
CAC A1L0L C . 4.33 4.49 5.66
CAD A1L0L C . 3.06 4.41 5.12
CAI A1L0L C . -0.29 3.86 4.47
CAJ A1L0L C . -1.61 3.27 4.95
CAL A1L0L C . 2.73 5.22 4.03
CAM A1L0L C . 3.66 6.10 3.50
CAN A1L0L C . 5.86 7.05 3.50
CAP A1L0L C . 7.88 5.95 3.13
OAF A1L0L C . 2.35 2.06 6.42
OAG A1L0L C . 0.96 4.06 6.84
OAH A1L0L C . 0.79 2.95 4.68
OAK A1L0L C . -2.63 4.24 4.81
OAO A1L0L C . 6.71 6.53 2.57
OAQ A1L0L C . 5.84 8.24 3.80
PAE A1L0L C . 1.87 3.30 5.79
CA CA D . -9.76 17.85 16.44
CAA A1L0L E . -9.95 -3.32 -28.00
CAB A1L0L E . -10.04 -2.03 -27.51
CAC A1L0L E . -8.88 -1.32 -27.21
CAD A1L0L E . -7.64 -1.90 -27.41
CAI A1L0L E . -4.57 -1.00 -29.09
CAJ A1L0L E . -3.31 -0.16 -28.99
CAL A1L0L E . -7.57 -3.20 -27.89
CAM A1L0L E . -8.72 -3.91 -28.19
CAN A1L0L E . -11.10 -4.04 -28.29
CAP A1L0L E . -12.10 -5.50 -29.72
OAF A1L0L E . -6.24 0.02 -26.03
OAG A1L0L E . -4.95 -1.99 -26.68
OAH A1L0L E . -5.66 -0.39 -28.39
OAK A1L0L E . -2.38 -0.57 -29.97
OAO A1L0L E . -10.89 -5.14 -29.04
OAQ A1L0L E . -12.20 -3.68 -27.89
PAE A1L0L E . -6.17 -1.03 -27.05
CA CA F . 9.44 -15.87 -27.19
#